data_9PF5
#
_entry.id   9PF5
#
_cell.length_a   67.936
_cell.length_b   68.202
_cell.length_c   68.149
_cell.angle_alpha   88.288
_cell.angle_beta   89.973
_cell.angle_gamma   65.890
#
_symmetry.space_group_name_H-M   'P 1'
#
loop_
_entity.id
_entity.type
_entity.pdbx_description
1 polymer "DNA (5'-D(*GP*AP*GP*CP*GP*AP*CP*CP*TP*GP*TP*AP*CP*GP*GP*AP*CP*AP*TP*CP*A)-3')"
2 polymer "DNA (5'-D(*TP*GP*TP*CP*TP*TP*GP*TP*GP*GP*TP*CP*GP*C)-3')"
3 polymer "DNA (5'-D(*TP*CP*TP*GP*AP*TP*GP*TP*GP*GP*TP*AP*GP*G)-3')"
4 polymer "DNA (5'-D(*AP*AP*CP*CP*TP*AP*CP*CP*TP*GP*GP*CP*AP*GP*GP*AP*CP*GP*AP*CP*T)-3')"
5 polymer "DNA (5'-D(*TP*TP*AP*GP*TP*CP*GP*TP*GP*GP*CP*TP*CP*G)-3')"
6 polymer "DNA (5'-D(*CP*AP*CP*GP*AP*GP*CP*CP*TP*GP*AP*TP*CP*GP*GP*AP*CP*AP*AP*GP*A)-3')"
7 polymer "DNA (5'-D(P*AP*CP*AP*CP*CP*GP*AP*TP*CP*AP*CP*CP*TP*GP*CP*CP*A)-3')"
#
loop_
_entity_poly.entity_id
_entity_poly.type
_entity_poly.pdbx_seq_one_letter_code
_entity_poly.pdbx_strand_id
1 'polydeoxyribonucleotide'
;(DG)(DA)(DG)(DC)(DG)(DA)(DC)(DC)(DT)(DG)(DT)(DA)(DC)(DG)(DG)(DA)(DC)(DA)(DT)(DC)
(DA)
;
A
2 'polydeoxyribonucleotide' (DT)(DG)(DT)(DC)(DT)(DT)(DG)(DT)(DG)(DG)(DT)(DC)(DG)(DC) E
3 'polydeoxyribonucleotide' (DT)(DC)(DT)(DG)(DA)(DT)(DG)(DT)(DG)(DG)(DT)(DA)(DG)(DG) D
4 'polydeoxyribonucleotide'
;(DA)(DA)(DC)(DC)(DT)(DA)(DC)(DC)(DT)(DG)(DG)(DC)(DA)(DG)(DG)(DA)(DC)(DG)(DA)(DC)
(DT)
;
B
5 'polydeoxyribonucleotide' (DT)(DT)(DA)(DG)(DT)(DC)(DG)(DT)(DG)(DG)(DC)(DT)(DC)(DG) F
6 'polydeoxyribonucleotide'
;(DC)(DA)(DC)(DG)(DA)(DG)(DC)(DC)(DT)(DG)(DA)(DT)(DC)(DG)(DG)(DA)(DC)(DA)(DA)(DG)
(DA)
;
C
7 'polydeoxyribonucleotide' (DA)(DC)(DA)(DC)(DC)(DG)(DA)(DT)(DC)(DA)(DC)(DC)(DT)(DG)(DC)(DC)(DA) M
#